data_6ZLX
#
_entry.id   6ZLX
#
_cell.length_a   120.095
_cell.length_b   120.095
_cell.length_c   48.586
_cell.angle_alpha   90.00
_cell.angle_beta   90.00
_cell.angle_gamma   120.00
#
_symmetry.space_group_name_H-M   'P 62'
#
loop_
_entity.id
_entity.type
_entity.pdbx_description
1 polymer 'Polymerase delta-interacting protein 2'
2 non-polymer 'PLATINUM (II) ION'
#
_entity_poly.entity_id   1
_entity_poly.type   'polypeptide(L)'
_entity_poly.pdbx_seq_one_letter_code
;VFEVPKQNGKYETGQLFLHSIFGYRGVVLFPWQARLYDRDVASAAPEKAENPAGHGSKEVKGKTHTYYQVLIDARDCPHI
SQRSQTEAVTFLANHDDSRALYAIPGLDYVSHEDILPYTSTDQVPIQHELFERFLLYDQTKAPPFVARETLRAWQEKNHP
WLELSDVHRETTENIRVTVIPFYMGMREAQNSHVYWWRYCIRLENLDSDVVQLRERHWRIFSLSGTLETVRGRGVVGREP
VLSKEQPAFQYSSHVSLQASSGHMWGTFRFERPDGSHFDVRIPPFSLESNKDE
;
_entity_poly.pdbx_strand_id   A
#
loop_
_chem_comp.id
_chem_comp.type
_chem_comp.name
_chem_comp.formula
PT non-polymer 'PLATINUM (II) ION' 'Pt 2'
#
# COMPACT_ATOMS: atom_id res chain seq x y z
N VAL A 1 8.24 -17.14 18.53
CA VAL A 1 7.29 -16.78 19.57
C VAL A 1 6.49 -15.56 19.16
N PHE A 2 5.17 -15.72 19.07
CA PHE A 2 4.29 -14.63 18.66
C PHE A 2 4.07 -13.65 19.82
N GLU A 3 4.31 -12.37 19.55
CA GLU A 3 4.01 -11.33 20.51
C GLU A 3 2.54 -10.93 20.40
N VAL A 4 2.11 -10.01 21.25
CA VAL A 4 0.76 -9.47 21.18
C VAL A 4 0.82 -8.17 20.38
N PRO A 5 -0.23 -7.79 19.66
CA PRO A 5 -0.19 -6.55 18.90
C PRO A 5 -0.25 -5.34 19.81
N LYS A 6 0.56 -4.34 19.50
CA LYS A 6 0.59 -3.12 20.30
C LYS A 6 -0.71 -2.36 20.15
N GLN A 7 -1.34 -2.03 21.28
CA GLN A 7 -2.58 -1.28 21.28
C GLN A 7 -2.37 0.22 21.38
N ASN A 8 -1.21 0.67 21.85
CA ASN A 8 -0.90 2.10 21.93
C ASN A 8 0.62 2.24 21.87
N GLY A 9 1.14 2.30 20.64
CA GLY A 9 2.57 2.43 20.41
C GLY A 9 3.00 1.89 19.07
N LYS A 10 3.96 2.55 18.43
CA LYS A 10 4.45 2.09 17.14
C LYS A 10 5.37 0.89 17.33
N TYR A 11 5.71 0.25 16.20
CA TYR A 11 6.63 -0.88 16.20
C TYR A 11 8.04 -0.39 15.97
N GLU A 12 8.97 -0.86 16.80
CA GLU A 12 10.37 -0.47 16.67
C GLU A 12 10.96 -1.00 15.37
N THR A 13 11.91 -0.23 14.83
CA THR A 13 12.59 -0.60 13.59
C THR A 13 13.35 -1.91 13.77
N GLY A 14 12.93 -2.95 13.05
CA GLY A 14 13.53 -4.27 13.17
C GLY A 14 12.61 -5.35 13.70
N GLN A 15 11.33 -5.05 13.93
CA GLN A 15 10.42 -6.05 14.47
C GLN A 15 10.02 -7.05 13.38
N LEU A 16 10.21 -8.34 13.66
CA LEU A 16 9.74 -9.39 12.76
C LEU A 16 8.25 -9.60 12.98
N PHE A 17 7.52 -9.88 11.90
CA PHE A 17 6.08 -9.98 11.98
C PHE A 17 5.56 -10.76 10.78
N LEU A 18 4.26 -11.08 10.85
CA LEU A 18 3.51 -11.65 9.74
C LEU A 18 2.37 -10.70 9.37
N HIS A 19 2.02 -10.68 8.09
CA HIS A 19 0.91 -9.86 7.66
C HIS A 19 -0.40 -10.47 8.12
N SER A 20 -1.32 -9.61 8.58
CA SER A 20 -2.61 -10.10 9.06
C SER A 20 -3.35 -10.90 8.00
N ILE A 21 -3.35 -10.42 6.77
CA ILE A 21 -3.86 -11.17 5.63
C ILE A 21 -2.66 -11.57 4.78
N PHE A 22 -2.80 -12.71 4.07
CA PHE A 22 -1.71 -13.37 3.35
C PHE A 22 -0.40 -13.27 4.12
N GLY A 23 -0.33 -13.96 5.25
CA GLY A 23 0.79 -13.83 6.17
C GLY A 23 2.15 -14.20 5.62
N TYR A 24 2.99 -13.21 5.38
CA TYR A 24 4.36 -13.40 4.94
C TYR A 24 5.31 -12.86 6.00
N ARG A 25 6.50 -13.43 6.05
CA ARG A 25 7.52 -13.00 7.00
C ARG A 25 8.11 -11.68 6.56
N GLY A 26 7.94 -10.64 7.38
CA GLY A 26 8.46 -9.32 7.07
C GLY A 26 9.10 -8.68 8.27
N VAL A 27 9.85 -7.61 8.01
CA VAL A 27 10.55 -6.84 9.02
C VAL A 27 10.32 -5.36 8.75
N VAL A 28 9.91 -4.62 9.78
CA VAL A 28 9.65 -3.19 9.65
C VAL A 28 10.98 -2.45 9.64
N LEU A 29 11.15 -1.54 8.67
CA LEU A 29 12.35 -0.73 8.57
C LEU A 29 12.21 0.60 9.29
N PHE A 30 11.08 1.28 9.12
CA PHE A 30 10.78 2.52 9.82
C PHE A 30 9.32 2.90 9.62
N PRO A 31 8.68 3.52 10.60
CA PRO A 31 7.28 3.92 10.45
C PRO A 31 7.14 5.33 9.91
N TRP A 32 5.98 5.59 9.31
CA TRP A 32 5.65 6.91 8.78
C TRP A 32 4.17 7.19 9.02
N GLN A 33 3.87 8.44 9.34
CA GLN A 33 2.50 8.85 9.62
C GLN A 33 1.76 9.14 8.33
N ALA A 34 0.56 8.57 8.20
CA ALA A 34 -0.30 8.79 7.05
C ALA A 34 -1.65 9.33 7.50
N ARG A 35 -2.37 9.92 6.56
CA ARG A 35 -3.69 10.48 6.83
C ARG A 35 -4.75 9.53 6.25
N LEU A 36 -5.60 9.01 7.12
CA LEU A 36 -6.67 8.13 6.68
C LEU A 36 -7.87 8.93 6.19
N TYR A 37 -8.61 8.35 5.25
CA TYR A 37 -9.85 8.94 4.72
C TYR A 37 -10.84 7.79 4.51
N ASP A 38 -11.40 7.31 5.61
CA ASP A 38 -12.44 6.27 5.56
C ASP A 38 -13.75 6.94 5.18
N ARG A 39 -14.12 6.81 3.90
CA ARG A 39 -15.37 7.39 3.43
C ARG A 39 -16.57 6.83 4.17
N ASP A 40 -16.47 5.59 4.65
CA ASP A 40 -17.55 4.96 5.39
C ASP A 40 -17.75 5.66 6.73
N GLY A 62 -9.69 15.86 11.09
CA GLY A 62 -8.54 15.18 10.54
C GLY A 62 -8.02 14.07 11.41
N LYS A 63 -7.86 12.88 10.83
CA LYS A 63 -7.39 11.70 11.54
C LYS A 63 -6.12 11.18 10.91
N THR A 64 -5.12 10.91 11.74
CA THR A 64 -3.85 10.36 11.30
C THR A 64 -3.78 8.86 11.58
N HIS A 65 -2.71 8.24 11.09
CA HIS A 65 -2.51 6.80 11.26
C HIS A 65 -1.06 6.48 10.94
N THR A 66 -0.54 5.46 11.61
CA THR A 66 0.87 5.07 11.49
C THR A 66 0.97 3.86 10.56
N TYR A 67 1.72 4.02 9.48
CA TYR A 67 2.07 2.94 8.58
C TYR A 67 3.56 2.64 8.68
N TYR A 68 4.00 1.58 8.02
CA TYR A 68 5.37 1.09 8.17
C TYR A 68 5.96 0.73 6.82
N GLN A 69 7.20 1.17 6.59
CA GLN A 69 8.00 0.64 5.48
C GLN A 69 8.49 -0.75 5.86
N VAL A 70 8.16 -1.75 5.05
CA VAL A 70 8.40 -3.14 5.40
C VAL A 70 9.20 -3.82 4.30
N LEU A 71 10.22 -4.57 4.70
CA LEU A 71 11.01 -5.39 3.78
C LEU A 71 10.51 -6.83 3.88
N ILE A 72 9.98 -7.36 2.78
CA ILE A 72 9.37 -8.67 2.76
C ILE A 72 10.37 -9.68 2.23
N ASP A 73 10.09 -10.96 2.47
CA ASP A 73 11.01 -12.04 2.13
C ASP A 73 10.24 -13.26 1.68
N ALA A 74 10.87 -14.04 0.79
CA ALA A 74 10.33 -15.31 0.29
C ALA A 74 8.94 -15.12 -0.32
N ARG A 75 8.85 -14.20 -1.27
CA ARG A 75 7.60 -13.92 -1.97
C ARG A 75 7.85 -13.38 -3.37
N ASP A 108 7.38 -2.88 0.36
CA ASP A 108 5.95 -2.70 0.53
C ASP A 108 5.64 -1.90 1.77
N TYR A 109 4.46 -1.28 1.80
CA TYR A 109 3.99 -0.49 2.93
C TYR A 109 2.81 -1.21 3.59
N VAL A 110 2.88 -1.37 4.91
CA VAL A 110 1.85 -2.07 5.67
C VAL A 110 1.30 -1.10 6.71
N SER A 111 0.13 -1.45 7.24
CA SER A 111 -0.49 -0.68 8.29
C SER A 111 -0.18 -1.28 9.66
N HIS A 112 -0.52 -0.53 10.71
CA HIS A 112 -0.26 -1.00 12.06
C HIS A 112 -1.17 -2.17 12.43
N GLU A 113 -2.41 -2.15 11.95
CA GLU A 113 -3.35 -3.22 12.29
C GLU A 113 -3.06 -4.51 11.53
N ASP A 114 -2.25 -4.45 10.48
CA ASP A 114 -1.90 -5.65 9.72
C ASP A 114 -0.67 -6.35 10.25
N ILE A 115 0.10 -5.72 11.13
CA ILE A 115 1.32 -6.32 11.66
C ILE A 115 0.96 -7.27 12.79
N LEU A 116 1.31 -8.54 12.62
CA LEU A 116 1.20 -9.54 13.68
C LEU A 116 2.61 -9.92 14.13
N PRO A 117 3.12 -9.35 15.20
CA PRO A 117 4.56 -9.48 15.50
C PRO A 117 4.91 -10.83 16.09
N TYR A 118 6.16 -11.23 15.85
CA TYR A 118 6.73 -12.43 16.44
C TYR A 118 8.23 -12.22 16.58
N THR A 119 8.81 -12.83 17.61
CA THR A 119 10.24 -12.78 17.83
C THR A 119 10.88 -14.11 17.43
N SER A 120 12.18 -14.05 17.13
CA SER A 120 12.92 -15.24 16.74
C SER A 120 14.37 -15.07 17.18
N THR A 121 15.19 -16.08 16.87
CA THR A 121 16.59 -16.11 17.27
C THR A 121 17.54 -16.01 16.08
N ASP A 122 17.39 -16.87 15.09
CA ASP A 122 18.29 -16.87 13.95
C ASP A 122 18.03 -15.66 13.06
N GLN A 123 18.90 -15.49 12.05
CA GLN A 123 18.72 -14.47 11.03
C GLN A 123 17.64 -14.95 10.05
N VAL A 124 16.40 -14.96 10.55
CA VAL A 124 15.28 -15.50 9.79
C VAL A 124 15.04 -14.75 8.48
N PRO A 125 14.95 -13.42 8.46
CA PRO A 125 14.61 -12.74 7.19
C PRO A 125 15.66 -12.98 6.12
N ILE A 126 15.18 -13.38 4.93
CA ILE A 126 16.05 -13.55 3.78
C ILE A 126 16.28 -12.15 3.18
N GLN A 127 16.65 -12.08 1.89
CA GLN A 127 17.13 -10.85 1.29
C GLN A 127 18.27 -10.25 2.11
N HIS A 128 19.21 -11.13 2.49
CA HIS A 128 20.33 -10.70 3.33
C HIS A 128 21.17 -9.62 2.67
N GLU A 129 21.15 -9.54 1.34
CA GLU A 129 21.85 -8.48 0.64
C GLU A 129 21.23 -7.11 0.90
N LEU A 130 20.01 -7.07 1.44
CA LEU A 130 19.38 -5.83 1.85
C LEU A 130 19.41 -5.61 3.36
N PHE A 131 19.38 -6.69 4.14
CA PHE A 131 19.39 -6.55 5.60
C PHE A 131 20.78 -6.20 6.12
N GLU A 132 21.84 -6.72 5.48
CA GLU A 132 23.19 -6.35 5.87
C GLU A 132 23.49 -4.89 5.59
N ARG A 133 22.75 -4.26 4.67
CA ARG A 133 22.95 -2.85 4.37
C ARG A 133 22.03 -1.96 5.19
N PHE A 134 20.79 -2.39 5.44
CA PHE A 134 19.88 -1.55 6.20
C PHE A 134 20.04 -1.76 7.70
N LEU A 135 20.19 -3.01 8.15
CA LEU A 135 20.21 -3.33 9.55
C LEU A 135 21.59 -3.83 9.98
N LEU A 136 21.83 -3.75 11.28
CA LEU A 136 23.02 -4.33 11.90
C LEU A 136 22.68 -5.71 12.42
N TYR A 137 23.73 -6.51 12.66
CA TYR A 137 23.57 -7.90 13.08
C TYR A 137 22.90 -8.03 14.44
N ASP A 138 22.80 -9.26 14.93
CA ASP A 138 22.12 -9.54 16.18
C ASP A 138 22.78 -8.78 17.33
N GLN A 139 21.95 -8.14 18.16
CA GLN A 139 22.45 -7.38 19.30
C GLN A 139 21.56 -7.55 20.53
N THR A 140 21.42 -6.50 21.32
CA THR A 140 20.64 -6.53 22.56
C THR A 140 19.65 -5.37 22.53
N LYS A 141 18.42 -5.65 22.10
CA LYS A 141 17.35 -4.66 22.03
C LYS A 141 16.07 -5.40 21.71
N ALA A 142 14.93 -4.73 21.96
CA ALA A 142 13.64 -5.36 21.69
C ALA A 142 13.48 -5.72 20.21
N PRO A 143 13.79 -4.84 19.24
CA PRO A 143 13.81 -5.36 17.87
C PRO A 143 15.17 -5.94 17.50
N PRO A 144 16.68 -8.59 17.72
CA PRO A 144 18.00 -8.06 18.11
C PRO A 144 18.69 -7.33 16.97
N PHE A 145 17.91 -6.81 16.02
CA PHE A 145 18.43 -6.13 14.83
C PHE A 145 18.22 -4.63 14.98
N VAL A 146 19.32 -3.89 15.06
CA VAL A 146 19.28 -2.44 15.13
C VAL A 146 19.59 -1.89 13.74
N ALA A 147 19.17 -0.65 13.51
CA ALA A 147 19.30 -0.05 12.18
C ALA A 147 20.70 0.51 11.95
N ARG A 148 21.19 0.32 10.73
CA ARG A 148 22.46 0.90 10.31
C ARG A 148 22.23 2.33 9.80
N GLU A 149 23.32 3.06 9.62
CA GLU A 149 23.23 4.44 9.15
C GLU A 149 22.66 4.51 7.73
N THR A 150 22.87 3.45 6.93
CA THR A 150 22.31 3.44 5.58
C THR A 150 20.79 3.48 5.61
N LEU A 151 20.18 2.77 6.57
CA LEU A 151 18.73 2.82 6.70
C LEU A 151 18.25 4.18 7.18
N ARG A 152 19.04 4.85 8.02
CA ARG A 152 18.68 6.19 8.45
C ARG A 152 18.76 7.18 7.29
N ALA A 153 19.76 7.02 6.42
CA ALA A 153 19.84 7.87 5.23
C ALA A 153 18.69 7.57 4.26
N TRP A 154 18.35 6.28 4.10
CA TRP A 154 17.22 5.92 3.27
C TRP A 154 15.90 6.42 3.86
N GLN A 155 15.81 6.48 5.18
CA GLN A 155 14.61 7.02 5.82
C GLN A 155 14.52 8.53 5.60
N GLU A 156 15.65 9.24 5.72
CA GLU A 156 15.65 10.68 5.45
C GLU A 156 15.35 10.95 3.99
N LYS A 157 15.68 10.03 3.09
CA LYS A 157 15.38 10.21 1.67
C LYS A 157 13.91 9.96 1.37
N ASN A 158 13.28 9.04 2.10
CA ASN A 158 11.88 8.70 1.86
C ASN A 158 10.92 9.66 2.54
N HIS A 159 11.32 10.24 3.66
CA HIS A 159 10.42 11.11 4.43
C HIS A 159 9.77 12.23 3.61
N PRO A 160 10.48 12.95 2.73
CA PRO A 160 9.78 13.98 1.94
C PRO A 160 8.76 13.41 0.97
N TRP A 161 9.08 12.31 0.29
CA TRP A 161 8.18 11.76 -0.72
C TRP A 161 6.97 11.07 -0.11
N LEU A 162 7.08 10.59 1.13
CA LEU A 162 5.93 9.98 1.81
C LEU A 162 4.92 11.02 2.29
N GLU A 163 5.28 12.31 2.29
CA GLU A 163 4.32 13.34 2.65
C GLU A 163 3.21 13.47 1.62
N LEU A 164 3.49 13.11 0.36
CA LEU A 164 2.51 13.16 -0.72
C LEU A 164 1.67 11.89 -0.80
N SER A 165 1.51 11.17 0.31
CA SER A 165 0.83 9.88 0.32
C SER A 165 -0.28 9.90 1.36
N ASP A 166 -1.52 9.85 0.88
CA ASP A 166 -2.69 9.77 1.75
C ASP A 166 -3.40 8.44 1.49
N VAL A 167 -3.84 7.79 2.56
CA VAL A 167 -4.54 6.52 2.45
C VAL A 167 -6.03 6.79 2.41
N HIS A 168 -6.70 6.19 1.42
CA HIS A 168 -8.13 6.36 1.23
C HIS A 168 -8.82 5.00 1.32
N ARG A 169 -9.99 4.97 1.95
CA ARG A 169 -10.77 3.75 2.10
C ARG A 169 -12.23 4.03 1.80
N GLU A 170 -12.92 3.01 1.30
CA GLU A 170 -14.36 3.09 1.08
C GLU A 170 -14.91 1.68 0.98
N THR A 171 -16.06 1.46 1.62
CA THR A 171 -16.72 0.16 1.65
C THR A 171 -18.03 0.26 0.88
N THR A 172 -18.14 -0.52 -0.19
CA THR A 172 -19.33 -0.53 -1.03
C THR A 172 -19.82 -1.95 -1.18
N GLU A 173 -21.02 -2.23 -0.65
CA GLU A 173 -21.64 -3.55 -0.73
C GLU A 173 -20.71 -4.64 -0.21
N ASN A 174 -20.24 -4.43 1.04
CA ASN A 174 -19.39 -5.38 1.75
C ASN A 174 -18.08 -5.65 1.01
N ILE A 175 -17.57 -4.65 0.30
CA ILE A 175 -16.28 -4.72 -0.39
C ILE A 175 -15.50 -3.48 -0.02
N ARG A 176 -14.43 -3.64 0.74
CA ARG A 176 -13.62 -2.52 1.23
C ARG A 176 -12.37 -2.39 0.36
N VAL A 177 -12.21 -1.22 -0.25
CA VAL A 177 -11.06 -0.93 -1.10
C VAL A 177 -10.18 0.11 -0.40
N THR A 178 -8.87 -0.12 -0.45
CA THR A 178 -7.89 0.76 0.19
C THR A 178 -6.85 1.15 -0.85
N VAL A 179 -6.78 2.44 -1.17
CA VAL A 179 -5.87 2.94 -2.18
C VAL A 179 -4.91 3.94 -1.55
N ILE A 180 -3.64 3.86 -1.95
CA ILE A 180 -2.59 4.74 -1.43
C ILE A 180 -1.57 4.99 -2.53
N PRO A 181 -1.40 6.23 -2.99
CA PRO A 181 -0.44 6.51 -4.05
C PRO A 181 0.94 6.85 -3.51
N PHE A 182 1.95 6.60 -4.36
CA PHE A 182 3.33 6.97 -4.07
C PHE A 182 3.92 7.65 -5.30
N TYR A 183 4.87 8.54 -5.07
CA TYR A 183 5.41 9.39 -6.12
C TYR A 183 6.77 8.90 -6.59
N MET A 184 6.90 8.69 -7.89
CA MET A 184 8.19 8.52 -8.57
C MET A 184 8.10 9.27 -9.88
N GLY A 185 8.84 10.36 -10.01
CA GLY A 185 8.72 11.14 -11.23
C GLY A 185 9.87 12.09 -11.42
N MET A 186 9.84 12.78 -12.56
CA MET A 186 10.82 13.79 -12.93
C MET A 186 10.11 15.12 -13.12
N ARG A 187 10.75 16.20 -12.66
CA ARG A 187 10.18 17.53 -12.89
C ARG A 187 10.08 17.82 -14.37
N GLU A 188 11.06 17.38 -15.16
CA GLU A 188 11.03 17.53 -16.61
C GLU A 188 11.35 16.18 -17.25
N ALA A 189 10.37 15.59 -17.93
CA ALA A 189 10.67 14.53 -18.86
C ALA A 189 11.13 15.14 -20.18
N GLN A 190 11.82 14.34 -20.98
CA GLN A 190 12.37 14.84 -22.23
C GLN A 190 11.26 15.37 -23.13
N ASN A 191 11.56 16.48 -23.83
CA ASN A 191 10.64 17.17 -24.72
C ASN A 191 9.51 17.86 -23.95
N SER A 192 8.81 17.12 -23.09
CA SER A 192 7.70 17.68 -22.33
C SER A 192 7.70 17.11 -20.92
N HIS A 193 7.35 17.95 -19.95
CA HIS A 193 7.37 17.55 -18.54
C HIS A 193 6.25 16.56 -18.26
N VAL A 194 6.61 15.35 -17.84
CA VAL A 194 5.64 14.31 -17.47
C VAL A 194 6.23 13.48 -16.33
N TYR A 195 5.46 13.32 -15.26
CA TYR A 195 5.84 12.48 -14.13
C TYR A 195 4.71 11.52 -13.80
N TRP A 196 5.06 10.41 -13.16
CA TRP A 196 4.08 9.36 -12.87
C TRP A 196 4.02 9.08 -11.37
N TRP A 197 3.14 8.15 -11.02
CA TRP A 197 2.94 7.70 -9.64
C TRP A 197 2.81 6.18 -9.65
N ARG A 198 2.74 5.60 -8.46
CA ARG A 198 2.52 4.17 -8.27
C ARG A 198 1.50 3.99 -7.16
N TYR A 199 0.29 3.59 -7.53
CA TYR A 199 -0.81 3.47 -6.57
C TYR A 199 -0.97 2.02 -6.14
N CYS A 200 -1.06 1.81 -4.83
CA CYS A 200 -1.30 0.50 -4.25
C CYS A 200 -2.77 0.38 -3.86
N ILE A 201 -3.41 -0.71 -4.26
CA ILE A 201 -4.84 -0.92 -4.03
C ILE A 201 -5.05 -2.29 -3.40
N ARG A 202 -5.82 -2.32 -2.32
CA ARG A 202 -6.13 -3.55 -1.59
C ARG A 202 -7.64 -3.74 -1.58
N LEU A 203 -8.08 -4.90 -2.07
CA LEU A 203 -9.49 -5.27 -2.07
C LEU A 203 -9.75 -6.30 -0.98
N GLU A 204 -10.82 -6.09 -0.22
CA GLU A 204 -11.17 -6.99 0.89
C GLU A 204 -12.66 -7.28 0.87
N ASN A 205 -13.00 -8.55 1.09
CA ASN A 205 -14.39 -8.99 1.12
C ASN A 205 -14.74 -9.34 2.56
N LEU A 206 -15.50 -8.45 3.22
CA LEU A 206 -15.94 -8.75 4.58
C LEU A 206 -17.08 -9.76 4.59
N ASP A 207 -17.91 -9.78 3.54
CA ASP A 207 -19.03 -10.70 3.48
C ASP A 207 -18.55 -12.11 3.17
N SER A 208 -19.35 -13.09 3.60
CA SER A 208 -19.05 -14.49 3.32
C SER A 208 -19.36 -14.88 1.89
N ASP A 209 -20.14 -14.07 1.17
CA ASP A 209 -20.50 -14.39 -0.20
C ASP A 209 -19.29 -14.27 -1.11
N VAL A 210 -19.15 -15.23 -2.02
CA VAL A 210 -18.04 -15.24 -2.96
C VAL A 210 -18.32 -14.23 -4.08
N VAL A 211 -17.26 -13.58 -4.56
CA VAL A 211 -17.39 -12.57 -5.61
C VAL A 211 -16.05 -12.47 -6.31
N GLN A 212 -16.08 -12.09 -7.59
CA GLN A 212 -14.87 -11.99 -8.39
C GLN A 212 -14.84 -10.65 -9.12
N LEU A 213 -13.68 -10.01 -9.09
CA LEU A 213 -13.48 -8.77 -9.83
C LEU A 213 -13.34 -9.08 -11.32
N ARG A 214 -14.14 -8.41 -12.15
CA ARG A 214 -14.15 -8.63 -13.58
C ARG A 214 -13.60 -7.46 -14.38
N GLU A 215 -14.08 -6.24 -14.12
CA GLU A 215 -13.73 -5.08 -14.92
C GLU A 215 -13.30 -3.92 -14.04
N ARG A 216 -12.46 -3.06 -14.61
CA ARG A 216 -12.02 -1.82 -13.96
C ARG A 216 -12.52 -0.64 -14.77
N HIS A 217 -12.64 0.51 -14.11
CA HIS A 217 -13.17 1.69 -14.80
C HIS A 217 -12.47 2.92 -14.21
N TRP A 218 -11.22 3.11 -14.61
CA TRP A 218 -10.45 4.25 -14.12
C TRP A 218 -10.90 5.53 -14.80
N ARG A 219 -10.89 6.63 -14.04
CA ARG A 219 -11.23 7.96 -14.57
C ARG A 219 -10.22 8.94 -13.97
N ILE A 220 -9.19 9.26 -14.74
CA ILE A 220 -8.07 10.05 -14.26
C ILE A 220 -8.21 11.48 -14.78
N PHE A 221 -8.30 12.44 -13.86
CA PHE A 221 -8.35 13.86 -14.19
C PHE A 221 -7.03 14.51 -13.81
N SER A 222 -6.51 15.35 -14.70
CA SER A 222 -5.23 16.02 -14.49
C SER A 222 -5.44 17.52 -14.35
N LEU A 223 -4.34 18.22 -14.04
CA LEU A 223 -4.39 19.65 -13.80
C LEU A 223 -4.75 20.44 -15.05
N SER A 224 -4.28 20.00 -16.22
CA SER A 224 -4.50 20.72 -17.46
C SER A 224 -5.96 20.78 -17.88
N GLY A 225 -6.83 19.96 -17.28
CA GLY A 225 -8.20 19.84 -17.70
C GLY A 225 -8.46 18.61 -18.55
N THR A 226 -7.42 18.02 -19.14
CA THR A 226 -7.56 16.77 -19.86
C THR A 226 -7.77 15.63 -18.89
N LEU A 227 -8.77 14.79 -19.16
CA LEU A 227 -9.06 13.65 -18.30
C LEU A 227 -9.12 12.38 -19.14
N GLU A 228 -8.54 11.31 -18.62
CA GLU A 228 -8.52 10.02 -19.28
C GLU A 228 -9.51 9.08 -18.63
N THR A 229 -9.99 8.10 -19.39
CA THR A 229 -10.96 7.13 -18.92
C THR A 229 -10.60 5.76 -19.47
N VAL A 230 -10.26 4.83 -18.58
CA VAL A 230 -9.79 3.50 -18.96
C VAL A 230 -10.76 2.47 -18.38
N ARG A 231 -11.56 1.86 -19.25
CA ARG A 231 -12.39 0.72 -18.87
C ARG A 231 -11.70 -0.54 -19.38
N GLY A 232 -11.23 -1.37 -18.45
CA GLY A 232 -10.43 -2.53 -18.81
C GLY A 232 -10.95 -3.80 -18.17
N ARG A 233 -10.44 -4.92 -18.69
CA ARG A 233 -10.79 -6.24 -18.18
C ARG A 233 -9.81 -6.65 -17.08
N GLY A 234 -10.36 -7.04 -15.93
CA GLY A 234 -9.53 -7.50 -14.84
C GLY A 234 -8.63 -6.41 -14.27
N VAL A 235 -7.64 -6.85 -13.51
CA VAL A 235 -6.68 -5.96 -12.86
C VAL A 235 -5.32 -6.65 -12.90
N VAL A 236 -4.33 -5.96 -13.47
CA VAL A 236 -3.01 -6.54 -13.74
C VAL A 236 -3.18 -7.85 -14.50
N GLY A 237 -4.05 -7.83 -15.51
CA GLY A 237 -4.25 -8.99 -16.35
C GLY A 237 -4.82 -10.20 -15.65
N ARG A 238 -5.41 -10.04 -14.47
CA ARG A 238 -5.99 -11.16 -13.75
C ARG A 238 -7.26 -10.72 -13.04
N GLU A 239 -8.19 -11.65 -12.89
CA GLU A 239 -9.47 -11.41 -12.25
C GLU A 239 -9.52 -12.11 -10.90
N PRO A 240 -9.23 -11.41 -9.80
CA PRO A 240 -9.16 -12.06 -8.50
C PRO A 240 -10.54 -12.38 -7.94
N VAL A 241 -10.61 -13.52 -7.24
CA VAL A 241 -11.83 -13.98 -6.58
C VAL A 241 -11.67 -13.81 -5.08
N LEU A 242 -12.75 -13.38 -4.41
CA LEU A 242 -12.74 -13.11 -2.98
C LEU A 242 -13.85 -13.93 -2.32
N SER A 243 -13.46 -14.90 -1.50
CA SER A 243 -14.42 -15.77 -0.84
C SER A 243 -14.07 -15.82 0.65
N LYS A 244 -14.63 -16.83 1.35
CA LYS A 244 -14.27 -17.04 2.75
C LYS A 244 -12.78 -17.34 2.89
N GLU A 245 -12.24 -18.16 1.98
CA GLU A 245 -10.83 -18.44 1.94
C GLU A 245 -10.16 -17.47 0.96
N GLN A 246 -9.06 -16.86 1.39
CA GLN A 246 -8.37 -15.81 0.64
C GLN A 246 -9.34 -14.69 0.31
N PRO A 247 -9.73 -13.86 1.28
CA PRO A 247 -10.72 -12.81 1.04
C PRO A 247 -10.14 -11.47 0.60
N ALA A 248 -8.83 -11.33 0.56
CA ALA A 248 -8.20 -10.05 0.22
C ALA A 248 -7.22 -10.22 -0.93
N PHE A 249 -7.04 -9.15 -1.68
CA PHE A 249 -6.13 -9.13 -2.82
C PHE A 249 -5.56 -7.73 -2.94
N GLN A 250 -4.23 -7.61 -2.92
CA GLN A 250 -3.55 -6.33 -3.00
C GLN A 250 -2.62 -6.31 -4.20
N TYR A 251 -2.65 -5.20 -4.94
CA TYR A 251 -1.81 -5.04 -6.12
C TYR A 251 -1.32 -3.59 -6.18
N SER A 252 -0.52 -3.29 -7.21
CA SER A 252 0.00 -1.96 -7.41
C SER A 252 0.26 -1.75 -8.90
N SER A 253 0.08 -0.51 -9.35
CA SER A 253 0.27 -0.18 -10.75
C SER A 253 0.72 1.27 -10.87
N HIS A 254 1.25 1.62 -12.03
CA HIS A 254 1.75 2.95 -12.31
C HIS A 254 0.72 3.76 -13.10
N VAL A 255 0.81 5.08 -12.96
CA VAL A 255 -0.04 6.01 -13.70
C VAL A 255 0.79 7.23 -14.07
N SER A 256 0.99 7.47 -15.36
CA SER A 256 1.72 8.62 -15.84
C SER A 256 0.77 9.80 -16.04
N LEU A 257 1.30 11.00 -15.91
CA LEU A 257 0.45 12.18 -15.95
C LEU A 257 1.28 13.41 -16.32
N GLN A 258 0.63 14.35 -16.99
CA GLN A 258 1.24 15.64 -17.29
C GLN A 258 0.83 16.66 -16.23
N ALA A 259 1.50 17.83 -16.26
CA ALA A 259 1.24 18.95 -15.36
C ALA A 259 1.56 18.62 -13.91
N SER A 260 1.86 17.35 -13.62
CA SER A 260 2.28 16.92 -12.28
C SER A 260 1.26 17.27 -11.22
N SER A 261 -0.03 17.06 -11.53
CA SER A 261 -1.10 17.29 -10.57
C SER A 261 -2.36 16.63 -11.11
N GLY A 262 -3.32 16.41 -10.20
CA GLY A 262 -4.58 15.80 -10.56
C GLY A 262 -5.03 14.73 -9.58
N HIS A 263 -6.30 14.32 -9.70
CA HIS A 263 -6.88 13.29 -8.85
C HIS A 263 -7.41 12.16 -9.72
N MET A 264 -7.55 10.98 -9.11
CA MET A 264 -7.93 9.78 -9.82
C MET A 264 -8.99 9.02 -9.02
N TRP A 265 -10.14 8.78 -9.64
CA TRP A 265 -11.20 7.95 -9.08
C TRP A 265 -11.51 6.82 -10.05
N GLY A 266 -12.23 5.81 -9.56
CA GLY A 266 -12.47 4.65 -10.39
C GLY A 266 -13.62 3.82 -9.88
N THR A 267 -13.85 2.71 -10.59
CA THR A 267 -14.94 1.79 -10.30
C THR A 267 -14.51 0.38 -10.67
N PHE A 268 -14.68 -0.55 -9.74
CA PHE A 268 -14.38 -1.96 -9.97
C PHE A 268 -15.69 -2.74 -10.13
N ARG A 269 -15.78 -3.53 -11.20
CA ARG A 269 -16.95 -4.35 -11.47
C ARG A 269 -16.76 -5.73 -10.87
N PHE A 270 -17.74 -6.17 -10.07
CA PHE A 270 -17.70 -7.46 -9.42
C PHE A 270 -18.91 -8.30 -9.84
N GLU A 271 -18.70 -9.60 -9.94
CA GLU A 271 -19.75 -10.54 -10.31
C GLU A 271 -19.91 -11.62 -9.25
N ARG A 272 -21.16 -11.98 -8.97
CA ARG A 272 -21.53 -13.00 -8.00
C ARG A 272 -21.93 -14.28 -8.74
N PRO A 273 -21.91 -15.42 -8.05
CA PRO A 273 -22.30 -16.68 -8.71
C PRO A 273 -23.74 -16.71 -9.18
N ASP A 274 -24.61 -15.88 -8.63
CA ASP A 274 -26.00 -15.82 -9.05
C ASP A 274 -26.21 -14.92 -10.26
N GLY A 275 -25.14 -14.51 -10.94
CA GLY A 275 -25.24 -13.72 -12.15
C GLY A 275 -25.26 -12.22 -11.93
N SER A 276 -25.54 -11.76 -10.71
CA SER A 276 -25.62 -10.33 -10.45
C SER A 276 -24.24 -9.69 -10.47
N HIS A 277 -24.17 -8.51 -11.07
CA HIS A 277 -22.93 -7.73 -11.11
C HIS A 277 -23.18 -6.38 -10.45
N PHE A 278 -22.21 -5.93 -9.65
CA PHE A 278 -22.32 -4.66 -8.95
C PHE A 278 -21.00 -3.91 -9.04
N ASP A 279 -21.10 -2.58 -8.97
CA ASP A 279 -19.94 -1.71 -9.07
C ASP A 279 -19.57 -1.19 -7.69
N VAL A 280 -18.31 -1.36 -7.31
CA VAL A 280 -17.78 -0.80 -6.08
C VAL A 280 -17.00 0.46 -6.42
N ARG A 281 -17.05 1.44 -5.53
CA ARG A 281 -16.42 2.73 -5.77
C ARG A 281 -15.00 2.75 -5.22
N ILE A 282 -14.13 3.46 -5.92
CA ILE A 282 -12.77 3.71 -5.46
C ILE A 282 -12.70 5.13 -4.91
N PRO A 283 -12.28 5.32 -3.67
CA PRO A 283 -12.22 6.67 -3.11
C PRO A 283 -11.27 7.55 -3.90
N PRO A 284 -11.72 8.73 -4.31
CA PRO A 284 -10.87 9.60 -5.16
C PRO A 284 -9.63 10.07 -4.44
N PHE A 285 -8.48 9.60 -4.89
CA PHE A 285 -7.19 9.96 -4.32
C PHE A 285 -6.47 10.94 -5.23
N SER A 286 -5.62 11.78 -4.63
CA SER A 286 -4.94 12.84 -5.34
C SER A 286 -3.49 12.44 -5.65
N LEU A 287 -2.93 13.11 -6.66
CA LEU A 287 -1.55 12.88 -7.09
C LEU A 287 -0.85 14.23 -7.11
N GLU A 288 -0.13 14.54 -6.04
CA GLU A 288 0.50 15.84 -5.84
C GLU A 288 2.02 15.72 -5.91
N SER A 289 2.69 16.87 -5.89
CA SER A 289 4.15 16.87 -5.97
C SER A 289 4.69 18.13 -5.31
N ASN A 290 5.80 17.98 -4.57
CA ASN A 290 6.50 19.15 -4.01
C ASN A 290 5.68 20.04 -3.09
N LYS A 291 5.36 19.56 -1.88
CA LYS A 291 4.83 20.40 -0.80
C LYS A 291 3.62 21.21 -1.26
N ASP A 292 2.50 20.50 -1.40
CA ASP A 292 1.24 21.11 -1.80
C ASP A 292 0.11 20.13 -1.55
N GLU A 293 -0.97 20.61 -0.96
CA GLU A 293 -2.16 19.80 -0.72
C GLU A 293 -3.41 20.58 -1.10
PT PT B . 7.07 3.98 -9.89
PT PT C . 1.32 -1.85 -2.20
#